data_6FN8
#
_entry.id   6FN8
#
_cell.length_a   68.359
_cell.length_b   68.359
_cell.length_c   136.180
_cell.angle_alpha   90.00
_cell.angle_beta   90.00
_cell.angle_gamma   90.00
#
_symmetry.space_group_name_H-M   'P 43 21 2'
#
loop_
_entity.id
_entity.type
_entity.pdbx_description
1 polymer 'Copper chaperone for superoxide dismutase'
2 non-polymer 'ZINC ION'
3 water water
#
_entity_poly.entity_id   1
_entity_poly.type   'polypeptide(L)'
_entity_poly.pdbx_seq_one_letter_code
;NLGAAVAILGGPGTVQGVVRFLQLTPERCLIEGTIDGLEPGLHGLHVHQYGDLTNNCNSCGNHFNPDGASHGGPQDSDRH
RGDLGNVRADADGRAIFRMEDEQLKVWDVIGRSLIIDEGEDDLGRGGHPLSKITGNSGERLACGIIARSAGL
;
_entity_poly.pdbx_strand_id   A,B
#
loop_
_chem_comp.id
_chem_comp.type
_chem_comp.name
_chem_comp.formula
ZN non-polymer 'ZINC ION' 'Zn 2'
#
# COMPACT_ATOMS: atom_id res chain seq x y z
N ASN A 1 11.89 -16.08 -7.01
CA ASN A 1 11.09 -14.88 -7.39
C ASN A 1 11.91 -13.59 -7.31
N LEU A 2 11.39 -12.54 -7.93
CA LEU A 2 12.07 -11.25 -7.99
C LEU A 2 11.20 -10.18 -7.31
N GLY A 3 10.31 -10.62 -6.42
CA GLY A 3 9.43 -9.71 -5.71
C GLY A 3 8.04 -10.27 -5.53
N ALA A 4 7.49 -10.10 -4.32
CA ALA A 4 6.14 -10.50 -4.02
C ALA A 4 5.34 -9.31 -3.49
N ALA A 5 4.03 -9.31 -3.77
CA ALA A 5 3.14 -8.29 -3.23
C ALA A 5 1.77 -8.88 -2.95
N VAL A 6 0.98 -8.18 -2.15
CA VAL A 6 -0.38 -8.62 -1.82
C VAL A 6 -1.32 -7.42 -1.79
N ALA A 7 -2.50 -7.58 -2.38
CA ALA A 7 -3.54 -6.58 -2.23
C ALA A 7 -4.74 -7.16 -1.48
N ILE A 8 -5.07 -6.54 -0.36
CA ILE A 8 -6.27 -6.90 0.40
C ILE A 8 -7.38 -5.91 0.07
N LEU A 9 -8.43 -6.41 -0.59
CA LEU A 9 -9.45 -5.53 -1.19
C LEU A 9 -10.66 -5.42 -0.30
N GLY A 10 -11.27 -4.23 -0.33
CA GLY A 10 -12.67 -4.05 0.07
C GLY A 10 -13.26 -2.72 -0.37
N GLY A 11 -14.56 -2.55 -0.13
CA GLY A 11 -15.29 -1.41 -0.69
C GLY A 11 -16.52 -1.03 0.12
N PRO A 12 -17.41 -0.23 -0.48
CA PRO A 12 -18.58 0.29 0.23
C PRO A 12 -19.71 -0.74 0.35
N GLY A 13 -19.61 -1.83 -0.41
CA GLY A 13 -20.62 -2.89 -0.37
C GLY A 13 -20.05 -4.22 0.11
N THR A 14 -20.44 -5.29 -0.54
CA THR A 14 -20.14 -6.63 -0.03
C THR A 14 -18.84 -7.23 -0.56
N VAL A 15 -18.11 -6.48 -1.39
CA VAL A 15 -17.03 -7.08 -2.18
C VAL A 15 -15.69 -7.00 -1.42
N GLN A 16 -15.07 -8.15 -1.19
CA GLN A 16 -13.76 -8.20 -0.55
CA GLN A 16 -13.75 -8.19 -0.58
C GLN A 16 -12.95 -9.38 -1.08
N GLY A 17 -11.62 -9.31 -0.89
CA GLY A 17 -10.78 -10.41 -1.32
C GLY A 17 -9.32 -10.17 -1.06
N VAL A 18 -8.50 -11.09 -1.54
CA VAL A 18 -7.05 -11.02 -1.40
C VAL A 18 -6.43 -11.52 -2.70
N VAL A 19 -5.55 -10.71 -3.27
CA VAL A 19 -4.92 -11.03 -4.52
C VAL A 19 -3.40 -10.91 -4.34
N ARG A 20 -2.67 -11.94 -4.77
CA ARG A 20 -1.21 -11.94 -4.65
C ARG A 20 -0.50 -11.77 -5.97
N PHE A 21 0.65 -11.11 -5.91
CA PHE A 21 1.49 -10.87 -7.07
C PHE A 21 2.82 -11.55 -6.79
N LEU A 22 3.38 -12.17 -7.81
CA LEU A 22 4.69 -12.79 -7.67
C LEU A 22 5.43 -12.70 -8.99
N GLN A 23 6.57 -12.02 -8.98
CA GLN A 23 7.36 -11.87 -10.19
C GLN A 23 8.21 -13.12 -10.41
N LEU A 24 7.64 -14.06 -11.18
CA LEU A 24 8.24 -15.38 -11.35
C LEU A 24 9.58 -15.26 -12.03
N THR A 25 9.61 -14.48 -13.11
CA THR A 25 10.83 -14.17 -13.86
C THR A 25 10.77 -12.68 -14.23
N PRO A 26 11.82 -12.16 -14.87
CA PRO A 26 11.75 -10.75 -15.28
C PRO A 26 10.62 -10.51 -16.29
N GLU A 27 10.19 -11.57 -16.97
CA GLU A 27 9.16 -11.47 -18.01
C GLU A 27 7.73 -11.65 -17.49
N ARG A 28 7.57 -12.41 -16.42
CA ARG A 28 6.27 -13.01 -16.06
CA ARG A 28 6.26 -12.99 -16.06
C ARG A 28 5.88 -12.67 -14.63
N CYS A 29 4.76 -11.97 -14.46
CA CYS A 29 4.22 -11.71 -13.15
C CYS A 29 2.94 -12.51 -12.97
N LEU A 30 2.94 -13.37 -11.96
CA LEU A 30 1.77 -14.12 -11.57
C LEU A 30 0.86 -13.27 -10.68
N ILE A 31 -0.41 -13.21 -11.05
CA ILE A 31 -1.42 -12.50 -10.27
C ILE A 31 -2.53 -13.49 -10.03
N GLU A 32 -2.78 -13.81 -8.76
N GLU A 32 -2.77 -13.82 -8.76
CA GLU A 32 -3.78 -14.83 -8.46
CA GLU A 32 -3.74 -14.85 -8.42
C GLU A 32 -4.46 -14.54 -7.13
C GLU A 32 -4.47 -14.50 -7.14
N GLY A 33 -5.75 -14.82 -7.07
CA GLY A 33 -6.45 -14.73 -5.81
C GLY A 33 -7.94 -14.94 -5.92
N THR A 34 -8.65 -14.44 -4.92
CA THR A 34 -10.04 -14.75 -4.71
C THR A 34 -10.75 -13.48 -4.25
N ILE A 35 -11.79 -13.11 -4.98
CA ILE A 35 -12.63 -11.98 -4.57
C ILE A 35 -14.06 -12.47 -4.50
N ASP A 36 -14.76 -12.14 -3.43
CA ASP A 36 -16.14 -12.59 -3.34
CA ASP A 36 -16.11 -12.64 -3.15
C ASP A 36 -17.09 -11.48 -2.94
N GLY A 37 -18.37 -11.80 -2.83
CA GLY A 37 -19.40 -10.77 -2.64
C GLY A 37 -19.83 -10.09 -3.93
N LEU A 38 -19.40 -10.65 -5.06
CA LEU A 38 -19.69 -10.10 -6.37
C LEU A 38 -21.03 -10.59 -6.91
N GLU A 39 -21.64 -9.79 -7.78
CA GLU A 39 -22.68 -10.31 -8.66
C GLU A 39 -22.09 -11.30 -9.65
N PRO A 40 -22.81 -12.39 -9.96
CA PRO A 40 -22.29 -13.35 -10.92
C PRO A 40 -22.05 -12.70 -12.29
N GLY A 41 -20.95 -13.07 -12.94
CA GLY A 41 -20.64 -12.53 -14.27
C GLY A 41 -19.25 -11.89 -14.32
N LEU A 42 -18.97 -11.20 -15.41
CA LEU A 42 -17.62 -10.66 -15.65
C LEU A 42 -17.44 -9.29 -14.98
N HIS A 43 -16.28 -9.09 -14.37
CA HIS A 43 -15.95 -7.83 -13.72
C HIS A 43 -14.56 -7.36 -14.13
N GLY A 44 -14.46 -6.10 -14.52
CA GLY A 44 -13.17 -5.52 -14.90
C GLY A 44 -12.24 -5.47 -13.68
N LEU A 45 -10.97 -5.77 -13.92
CA LEU A 45 -9.94 -5.75 -12.88
C LEU A 45 -8.74 -4.94 -13.39
N HIS A 46 -8.37 -3.88 -12.66
CA HIS A 46 -7.29 -3.02 -13.11
C HIS A 46 -6.40 -2.58 -11.97
N VAL A 47 -5.13 -2.35 -12.29
CA VAL A 47 -4.26 -1.62 -11.40
C VAL A 47 -4.36 -0.13 -11.71
N HIS A 48 -4.56 0.67 -10.66
CA HIS A 48 -4.70 2.13 -10.81
C HIS A 48 -3.43 2.82 -10.32
N GLN A 49 -3.35 4.13 -10.58
N GLN A 49 -3.33 4.13 -10.56
CA GLN A 49 -2.14 4.91 -10.35
CA GLN A 49 -2.07 4.82 -10.37
C GLN A 49 -1.70 4.84 -8.90
C GLN A 49 -1.66 4.97 -8.89
N TYR A 50 -2.62 5.18 -8.00
CA TYR A 50 -2.30 5.46 -6.61
C TYR A 50 -2.92 4.43 -5.67
N GLY A 51 -2.41 4.35 -4.46
CA GLY A 51 -3.03 3.52 -3.43
C GLY A 51 -3.61 4.32 -2.28
N ASP A 52 -3.80 5.62 -2.51
CA ASP A 52 -4.38 6.52 -1.53
C ASP A 52 -5.86 6.17 -1.32
N LEU A 53 -6.19 5.64 -0.14
CA LEU A 53 -7.58 5.29 0.16
C LEU A 53 -8.31 6.29 1.05
N THR A 54 -7.82 7.52 1.14
CA THR A 54 -8.41 8.50 2.03
C THR A 54 -9.78 8.98 1.53
N ASN A 55 -10.06 8.73 0.25
CA ASN A 55 -11.40 8.90 -0.29
C ASN A 55 -11.87 7.59 -0.89
N ASN A 56 -11.62 6.50 -0.16
CA ASN A 56 -11.98 5.17 -0.61
C ASN A 56 -11.36 4.90 -1.98
N CYS A 57 -12.13 4.33 -2.91
CA CYS A 57 -11.53 4.00 -4.20
C CYS A 57 -11.43 5.20 -5.13
N ASN A 58 -11.99 6.32 -4.70
CA ASN A 58 -11.95 7.53 -5.51
C ASN A 58 -10.60 8.24 -5.59
N SER A 59 -9.74 8.01 -4.60
N SER A 59 -9.77 8.06 -4.58
CA SER A 59 -8.45 8.69 -4.54
CA SER A 59 -8.45 8.70 -4.56
C SER A 59 -7.35 7.83 -5.18
C SER A 59 -7.36 7.76 -5.08
N CYS A 60 -7.77 6.75 -5.84
CA CYS A 60 -6.81 5.82 -6.46
C CYS A 60 -6.33 6.26 -7.84
N GLY A 61 -6.95 7.31 -8.40
CA GLY A 61 -6.59 7.75 -9.74
C GLY A 61 -7.11 6.81 -10.82
N ASN A 62 -6.54 6.92 -12.01
CA ASN A 62 -7.04 6.19 -13.18
C ASN A 62 -6.23 4.90 -13.38
N HIS A 63 -6.61 4.09 -14.37
CA HIS A 63 -5.80 2.91 -14.70
C HIS A 63 -4.34 3.32 -14.84
N PHE A 64 -3.45 2.52 -14.26
CA PHE A 64 -2.02 2.79 -14.35
C PHE A 64 -1.57 2.78 -15.81
N ASN A 65 -1.00 3.90 -16.27
CA ASN A 65 -0.79 4.11 -17.70
C ASN A 65 0.49 4.88 -18.04
N PRO A 66 1.65 4.33 -17.64
CA PRO A 66 2.90 5.08 -17.77
C PRO A 66 3.30 5.35 -19.22
N ASP A 67 2.80 4.53 -20.14
CA ASP A 67 3.22 4.63 -21.53
C ASP A 67 2.28 5.48 -22.38
N GLY A 68 1.22 6.01 -21.76
CA GLY A 68 0.27 6.88 -22.46
C GLY A 68 -0.49 6.15 -23.55
N ALA A 69 -0.89 4.92 -23.25
CA ALA A 69 -1.63 4.10 -24.22
C ALA A 69 -3.12 4.31 -24.07
N SER A 70 -3.89 3.74 -25.00
CA SER A 70 -5.34 3.63 -24.82
C SER A 70 -5.70 2.42 -23.97
N HIS A 71 -6.93 2.37 -23.51
CA HIS A 71 -7.43 1.20 -22.78
C HIS A 71 -7.58 -0.01 -23.71
N GLY A 72 -7.17 -1.18 -23.23
CA GLY A 72 -7.34 -2.41 -24.01
C GLY A 72 -7.46 -3.62 -23.11
N GLY A 73 -7.44 -4.80 -23.72
CA GLY A 73 -7.43 -6.06 -22.98
C GLY A 73 -6.01 -6.55 -22.73
N PRO A 74 -5.85 -7.54 -21.84
CA PRO A 74 -4.52 -7.90 -21.38
C PRO A 74 -3.65 -8.47 -22.49
N GLN A 75 -4.31 -9.01 -23.52
CA GLN A 75 -3.62 -9.60 -24.68
C GLN A 75 -3.22 -8.56 -25.73
N ASP A 76 -3.75 -7.36 -25.61
CA ASP A 76 -3.58 -6.32 -26.63
C ASP A 76 -2.24 -5.62 -26.49
N SER A 77 -1.67 -5.19 -27.61
CA SER A 77 -0.44 -4.41 -27.56
C SER A 77 -0.72 -2.98 -27.09
N ASP A 78 -1.85 -2.43 -27.53
CA ASP A 78 -2.27 -1.12 -27.07
C ASP A 78 -3.19 -1.26 -25.86
N ARG A 79 -2.58 -1.26 -24.68
CA ARG A 79 -3.31 -1.36 -23.41
CA ARG A 79 -3.34 -1.29 -23.44
C ARG A 79 -2.63 -0.49 -22.35
N HIS A 80 -3.38 -0.04 -21.36
CA HIS A 80 -2.78 0.53 -20.16
C HIS A 80 -1.99 -0.56 -19.44
N ARG A 81 -0.86 -0.21 -18.85
CA ARG A 81 -0.11 -1.25 -18.16
C ARG A 81 -0.95 -1.90 -17.05
N GLY A 82 -1.90 -1.14 -16.51
CA GLY A 82 -2.76 -1.65 -15.45
C GLY A 82 -3.95 -2.49 -15.90
N ASP A 83 -4.09 -2.73 -17.22
CA ASP A 83 -5.28 -3.40 -17.73
C ASP A 83 -5.18 -4.91 -17.62
N LEU A 84 -5.98 -5.50 -16.73
CA LEU A 84 -5.91 -6.95 -16.51
C LEU A 84 -7.16 -7.68 -17.00
N GLY A 85 -8.01 -6.98 -17.76
CA GLY A 85 -9.20 -7.60 -18.34
C GLY A 85 -10.25 -7.93 -17.30
N ASN A 86 -10.97 -9.04 -17.53
CA ASN A 86 -12.07 -9.42 -16.65
C ASN A 86 -11.73 -10.62 -15.78
N VAL A 87 -12.36 -10.70 -14.62
CA VAL A 87 -12.47 -11.96 -13.89
C VAL A 87 -13.94 -12.34 -13.75
N ARG A 88 -14.19 -13.65 -13.72
CA ARG A 88 -15.55 -14.15 -13.64
C ARG A 88 -15.94 -14.55 -12.22
N ALA A 89 -17.02 -13.95 -11.72
CA ALA A 89 -17.65 -14.41 -10.49
C ALA A 89 -18.68 -15.48 -10.84
N ASP A 90 -18.62 -16.59 -10.13
CA ASP A 90 -19.57 -17.68 -10.34
C ASP A 90 -20.92 -17.37 -9.71
N ALA A 91 -21.82 -18.34 -9.77
CA ALA A 91 -23.18 -18.18 -9.24
C ALA A 91 -23.20 -17.88 -7.74
N ASP A 92 -22.12 -18.22 -7.03
CA ASP A 92 -22.00 -17.93 -5.61
C ASP A 92 -21.33 -16.57 -5.34
N GLY A 93 -20.96 -15.86 -6.39
CA GLY A 93 -20.45 -14.51 -6.27
C GLY A 93 -18.95 -14.50 -6.03
N ARG A 94 -18.31 -15.63 -6.34
N ARG A 94 -18.32 -15.64 -6.28
CA ARG A 94 -16.90 -15.84 -6.04
CA ARG A 94 -16.89 -15.80 -6.00
C ARG A 94 -16.09 -15.87 -7.32
C ARG A 94 -16.08 -15.88 -7.30
N ALA A 95 -15.05 -15.04 -7.39
CA ALA A 95 -14.12 -15.04 -8.50
C ALA A 95 -12.78 -15.57 -8.04
N ILE A 96 -12.46 -16.80 -8.42
CA ILE A 96 -11.15 -17.36 -8.15
C ILE A 96 -10.40 -17.40 -9.48
N PHE A 97 -9.23 -16.76 -9.52
CA PHE A 97 -8.56 -16.51 -10.79
C PHE A 97 -7.04 -16.55 -10.68
N ARG A 98 -6.42 -16.71 -11.84
CA ARG A 98 -4.98 -16.82 -11.95
C ARG A 98 -4.61 -16.36 -13.34
N MET A 99 -3.71 -15.39 -13.40
CA MET A 99 -3.24 -14.88 -14.68
C MET A 99 -1.76 -14.60 -14.58
N GLU A 100 -1.09 -14.61 -15.73
CA GLU A 100 0.27 -14.11 -15.81
C GLU A 100 0.29 -12.92 -16.74
N ASP A 101 1.02 -11.89 -16.35
CA ASP A 101 1.14 -10.71 -17.19
C ASP A 101 2.59 -10.48 -17.58
N GLU A 102 2.78 -10.04 -18.82
CA GLU A 102 4.13 -9.80 -19.35
C GLU A 102 4.55 -8.33 -19.25
N GLN A 103 3.59 -7.44 -18.98
CA GLN A 103 3.87 -5.99 -18.97
C GLN A 103 4.01 -5.46 -17.54
N LEU A 104 3.09 -5.86 -16.67
CA LEU A 104 3.08 -5.43 -15.29
C LEU A 104 4.22 -6.08 -14.51
N LYS A 105 5.02 -5.27 -13.82
CA LYS A 105 6.07 -5.77 -12.95
C LYS A 105 5.75 -5.45 -11.50
N VAL A 106 6.06 -6.37 -10.59
CA VAL A 106 5.85 -6.10 -9.17
C VAL A 106 6.49 -4.78 -8.72
N TRP A 107 7.70 -4.52 -9.17
CA TRP A 107 8.44 -3.34 -8.71
C TRP A 107 7.81 -2.03 -9.21
N ASP A 108 7.01 -2.12 -10.26
CA ASP A 108 6.31 -0.95 -10.78
C ASP A 108 5.02 -0.64 -10.05
N VAL A 109 4.39 -1.67 -9.47
CA VAL A 109 3.05 -1.49 -8.94
C VAL A 109 2.96 -1.43 -7.43
N ILE A 110 4.09 -1.62 -6.75
CA ILE A 110 4.14 -1.49 -5.30
C ILE A 110 3.57 -0.13 -4.89
N GLY A 111 2.63 -0.13 -3.95
CA GLY A 111 2.06 1.11 -3.43
C GLY A 111 0.95 1.69 -4.30
N ARG A 112 0.64 1.01 -5.40
CA ARG A 112 -0.52 1.39 -6.21
C ARG A 112 -1.74 0.61 -5.74
N SER A 113 -2.81 0.60 -6.51
CA SER A 113 -4.04 -0.09 -6.07
C SER A 113 -4.52 -1.09 -7.11
N LEU A 114 -5.20 -2.13 -6.62
CA LEU A 114 -5.91 -3.06 -7.47
C LEU A 114 -7.40 -2.88 -7.22
N ILE A 115 -8.15 -2.69 -8.29
CA ILE A 115 -9.55 -2.31 -8.18
C ILE A 115 -10.40 -3.23 -9.05
N ILE A 116 -11.50 -3.70 -8.49
CA ILE A 116 -12.48 -4.48 -9.27
C ILE A 116 -13.75 -3.68 -9.50
N ASP A 117 -14.32 -3.83 -10.69
CA ASP A 117 -15.40 -2.95 -11.14
C ASP A 117 -16.76 -3.63 -11.11
N GLU A 118 -17.79 -2.81 -11.26
CA GLU A 118 -19.20 -3.22 -11.20
C GLU A 118 -19.54 -4.16 -12.34
N GLY A 119 -19.00 -3.86 -13.52
CA GLY A 119 -19.44 -4.53 -14.74
C GLY A 119 -18.29 -5.07 -15.56
N GLU A 120 -18.61 -5.55 -16.75
CA GLU A 120 -17.64 -6.13 -17.67
C GLU A 120 -16.80 -5.04 -18.33
N ASP A 121 -15.48 -5.24 -18.34
CA ASP A 121 -14.54 -4.48 -19.17
C ASP A 121 -14.75 -4.90 -20.64
N ASP A 122 -15.06 -3.96 -21.52
CA ASP A 122 -15.23 -4.27 -22.95
C ASP A 122 -13.91 -4.38 -23.73
N LEU A 123 -12.80 -4.22 -23.01
CA LEU A 123 -11.46 -4.45 -23.54
C LEU A 123 -11.11 -3.49 -24.66
N GLY A 124 -11.79 -2.34 -24.68
CA GLY A 124 -11.54 -1.32 -25.70
C GLY A 124 -12.25 -1.57 -27.01
N ARG A 125 -13.12 -2.58 -27.04
N ARG A 125 -12.98 -2.68 -27.11
CA ARG A 125 -13.69 -3.12 -28.27
CA ARG A 125 -13.67 -3.02 -28.35
C ARG A 125 -15.15 -2.70 -28.44
C ARG A 125 -15.18 -3.04 -28.14
N GLY A 126 -15.70 -2.06 -27.41
CA GLY A 126 -17.14 -1.89 -27.27
C GLY A 126 -17.77 -0.84 -28.19
N GLY A 127 -16.93 -0.02 -28.82
CA GLY A 127 -17.43 1.08 -29.64
C GLY A 127 -18.20 2.13 -28.86
N HIS A 128 -17.97 2.18 -27.55
CA HIS A 128 -18.68 3.11 -26.67
C HIS A 128 -17.75 4.28 -26.37
N PRO A 129 -18.32 5.44 -26.01
CA PRO A 129 -17.43 6.56 -25.75
C PRO A 129 -16.38 6.31 -24.68
N LEU A 130 -16.63 5.35 -23.79
CA LEU A 130 -15.68 5.04 -22.73
C LEU A 130 -14.77 3.87 -23.07
N SER A 131 -14.99 3.23 -24.21
CA SER A 131 -14.31 1.96 -24.48
C SER A 131 -12.78 2.05 -24.40
N LYS A 132 -12.20 3.07 -25.05
CA LYS A 132 -10.75 3.19 -25.12
C LYS A 132 -10.19 4.03 -23.99
N ILE A 133 -11.06 4.42 -23.06
CA ILE A 133 -10.64 5.20 -21.90
C ILE A 133 -10.68 4.36 -20.62
N THR A 134 -11.81 3.70 -20.36
CA THR A 134 -11.92 2.86 -19.16
C THR A 134 -12.31 1.41 -19.46
N GLY A 135 -12.88 1.17 -20.63
CA GLY A 135 -13.52 -0.11 -20.91
C GLY A 135 -14.98 -0.18 -20.51
N ASN A 136 -15.52 0.93 -19.98
CA ASN A 136 -16.95 1.08 -19.74
C ASN A 136 -17.49 0.06 -18.73
N SER A 137 -16.76 -0.15 -17.64
CA SER A 137 -17.10 -1.19 -16.68
C SER A 137 -17.80 -0.67 -15.42
N GLY A 138 -18.28 0.57 -15.46
CA GLY A 138 -19.09 1.08 -14.36
C GLY A 138 -18.28 1.45 -13.12
N GLU A 139 -18.94 1.37 -11.97
CA GLU A 139 -18.39 1.90 -10.72
C GLU A 139 -17.25 1.02 -10.21
N ARG A 140 -16.41 1.60 -9.35
CA ARG A 140 -15.43 0.81 -8.62
C ARG A 140 -16.07 0.17 -7.39
N LEU A 141 -15.99 -1.16 -7.30
CA LEU A 141 -16.64 -1.88 -6.20
C LEU A 141 -15.77 -2.05 -4.96
N ALA A 142 -14.48 -2.30 -5.18
CA ALA A 142 -13.57 -2.57 -4.08
C ALA A 142 -12.14 -2.31 -4.54
N CYS A 143 -11.30 -1.90 -3.60
CA CYS A 143 -9.92 -1.57 -3.92
C CYS A 143 -9.00 -2.03 -2.79
N GLY A 144 -7.78 -2.39 -3.15
CA GLY A 144 -6.77 -2.68 -2.14
C GLY A 144 -5.42 -2.14 -2.56
N ILE A 145 -4.58 -1.81 -1.58
CA ILE A 145 -3.25 -1.33 -1.86
C ILE A 145 -2.32 -2.52 -2.16
N ILE A 146 -1.52 -2.38 -3.20
CA ILE A 146 -0.54 -3.42 -3.55
C ILE A 146 0.70 -3.26 -2.68
N ALA A 147 0.81 -4.12 -1.68
CA ALA A 147 1.78 -3.95 -0.60
C ALA A 147 2.91 -4.96 -0.77
N ARG A 148 4.12 -4.58 -0.39
CA ARG A 148 5.24 -5.52 -0.39
C ARG A 148 4.95 -6.64 0.58
N SER A 149 5.33 -7.86 0.20
CA SER A 149 5.14 -9.05 1.03
CA SER A 149 5.17 -9.01 1.08
C SER A 149 6.41 -9.89 1.00
N ALA A 150 6.70 -10.60 2.07
CA ALA A 150 7.76 -11.62 2.06
C ALA A 150 7.40 -12.71 1.06
N GLY A 151 6.10 -12.97 0.93
CA GLY A 151 5.59 -14.03 0.07
C GLY A 151 5.23 -15.28 0.85
N ASN B 1 8.21 18.65 -5.86
CA ASN B 1 8.51 17.50 -4.96
C ASN B 1 9.00 16.28 -5.75
N LEU B 2 9.44 15.26 -5.04
CA LEU B 2 10.01 14.07 -5.67
C LEU B 2 9.23 12.80 -5.33
N GLY B 3 7.93 12.95 -5.06
CA GLY B 3 7.06 11.82 -4.73
C GLY B 3 6.27 12.05 -3.45
N ALA B 4 5.08 11.47 -3.37
CA ALA B 4 4.22 11.62 -2.20
C ALA B 4 3.68 10.26 -1.79
N ALA B 5 3.37 10.09 -0.50
CA ALA B 5 2.78 8.85 0.00
C ALA B 5 1.83 9.11 1.14
N VAL B 6 1.02 8.12 1.47
CA VAL B 6 0.04 8.27 2.54
C VAL B 6 -0.20 6.91 3.20
N ALA B 7 -0.37 6.93 4.53
CA ALA B 7 -0.70 5.71 5.27
C ALA B 7 -1.90 5.98 6.16
N ILE B 8 -2.87 5.06 6.13
CA ILE B 8 -4.02 5.09 7.01
C ILE B 8 -3.88 4.00 8.07
N LEU B 9 -3.71 4.42 9.32
CA LEU B 9 -3.45 3.46 10.40
C LEU B 9 -4.71 2.98 11.07
N GLY B 10 -4.73 1.69 11.38
CA GLY B 10 -5.68 1.12 12.34
C GLY B 10 -5.11 -0.11 13.01
N GLY B 11 -5.74 -0.53 14.11
CA GLY B 11 -5.33 -1.76 14.78
C GLY B 11 -6.47 -2.39 15.54
N PRO B 12 -6.15 -3.21 16.55
CA PRO B 12 -7.16 -3.97 17.28
C PRO B 12 -7.93 -3.08 18.26
N GLY B 13 -7.33 -1.96 18.63
CA GLY B 13 -7.91 -1.09 19.64
C GLY B 13 -8.48 0.17 19.04
N THR B 14 -8.21 1.29 19.69
CA THR B 14 -8.85 2.57 19.37
C THR B 14 -7.94 3.45 18.50
N VAL B 15 -6.75 2.95 18.20
CA VAL B 15 -5.73 3.80 17.57
C VAL B 15 -5.96 3.85 16.06
N GLN B 16 -6.06 5.07 15.53
CA GLN B 16 -6.23 5.26 14.10
C GLN B 16 -5.79 6.65 13.67
N GLY B 17 -5.39 6.78 12.41
CA GLY B 17 -5.03 8.10 11.91
C GLY B 17 -4.47 8.04 10.51
N VAL B 18 -4.07 9.19 10.03
CA VAL B 18 -3.58 9.33 8.67
C VAL B 18 -2.25 10.04 8.75
N VAL B 19 -1.27 9.53 8.00
CA VAL B 19 0.06 10.14 7.98
C VAL B 19 0.50 10.29 6.52
N ARG B 20 0.98 11.48 6.15
CA ARG B 20 1.38 11.72 4.78
C ARG B 20 2.86 12.04 4.67
N PHE B 21 3.46 11.63 3.54
CA PHE B 21 4.87 11.84 3.26
C PHE B 21 4.98 12.66 1.97
N LEU B 22 5.94 13.59 1.94
CA LEU B 22 6.26 14.29 0.70
C LEU B 22 7.78 14.48 0.64
N GLN B 23 8.39 14.04 -0.44
CA GLN B 23 9.82 14.25 -0.61
C GLN B 23 10.04 15.66 -1.16
N LEU B 24 10.46 16.57 -0.28
CA LEU B 24 10.56 18.00 -0.59
C LEU B 24 11.72 18.25 -1.54
N THR B 25 12.85 17.65 -1.20
CA THR B 25 14.10 17.77 -1.94
C THR B 25 14.75 16.39 -1.95
N PRO B 26 15.92 16.25 -2.59
CA PRO B 26 16.52 14.93 -2.52
C PRO B 26 16.96 14.57 -1.10
N GLU B 27 17.17 15.58 -0.28
CA GLU B 27 17.69 15.37 1.07
C GLU B 27 16.57 15.11 2.09
N ARG B 28 15.40 15.68 1.83
CA ARG B 28 14.43 15.91 2.90
C ARG B 28 13.07 15.34 2.54
N CYS B 29 12.55 14.54 3.46
CA CYS B 29 11.19 14.01 3.36
C CYS B 29 10.34 14.56 4.48
N LEU B 30 9.26 15.25 4.10
CA LEU B 30 8.29 15.76 5.05
C LEU B 30 7.33 14.66 5.45
N ILE B 31 7.19 14.44 6.77
CA ILE B 31 6.22 13.48 7.28
C ILE B 31 5.30 14.21 8.25
N GLU B 32 3.99 14.14 8.02
CA GLU B 32 3.06 14.89 8.85
C GLU B 32 1.80 14.09 9.06
N GLY B 33 1.36 13.99 10.31
CA GLY B 33 0.24 13.11 10.61
C GLY B 33 -0.52 13.49 11.86
N THR B 34 -1.69 12.87 11.99
CA THR B 34 -2.47 12.94 13.20
C THR B 34 -2.92 11.53 13.52
N ILE B 35 -2.63 11.07 14.73
CA ILE B 35 -3.06 9.75 15.16
C ILE B 35 -3.84 9.88 16.47
N ASP B 36 -5.06 9.34 16.49
CA ASP B 36 -5.94 9.45 17.65
C ASP B 36 -6.04 8.12 18.39
N GLY B 37 -6.63 8.16 19.59
CA GLY B 37 -6.95 6.93 20.32
C GLY B 37 -5.81 6.36 21.16
N LEU B 38 -4.75 7.14 21.34
CA LEU B 38 -3.57 6.71 22.06
C LEU B 38 -3.72 7.00 23.55
N GLU B 39 -2.98 6.25 24.37
CA GLU B 39 -2.71 6.69 25.75
C GLU B 39 -1.78 7.89 25.73
N PRO B 40 -2.01 8.85 26.62
CA PRO B 40 -1.13 10.03 26.64
C PRO B 40 0.33 9.64 26.88
N GLY B 41 1.24 10.35 26.22
CA GLY B 41 2.68 10.11 26.37
C GLY B 41 3.38 9.73 25.07
N LEU B 42 4.58 9.21 25.19
CA LEU B 42 5.43 9.00 24.01
C LEU B 42 5.21 7.62 23.42
N HIS B 43 5.09 7.55 22.09
CA HIS B 43 4.93 6.29 21.39
C HIS B 43 5.93 6.17 20.25
N GLY B 44 6.61 5.04 20.18
CA GLY B 44 7.49 4.76 19.03
C GLY B 44 6.76 4.75 17.71
N LEU B 45 7.40 5.26 16.67
CA LEU B 45 6.84 5.26 15.31
C LEU B 45 7.91 4.78 14.33
N HIS B 46 7.62 3.73 13.56
CA HIS B 46 8.64 3.15 12.67
C HIS B 46 8.04 2.70 11.36
N VAL B 47 8.83 2.79 10.30
CA VAL B 47 8.49 2.12 9.06
C VAL B 47 9.06 0.71 9.08
N HIS B 48 8.19 -0.28 8.84
CA HIS B 48 8.60 -1.68 8.83
C HIS B 48 8.71 -2.20 7.38
N GLN B 49 9.32 -3.37 7.22
CA GLN B 49 9.73 -3.90 5.92
CA GLN B 49 9.73 -3.82 5.91
C GLN B 49 8.57 -4.03 4.95
N TYR B 50 7.49 -4.64 5.42
CA TYR B 50 6.41 -5.09 4.55
C TYR B 50 5.10 -4.37 4.85
N GLY B 51 4.27 -4.20 3.83
CA GLY B 51 2.93 -3.64 4.02
C GLY B 51 1.84 -4.69 4.04
N ASP B 52 2.26 -5.94 4.13
CA ASP B 52 1.38 -7.10 4.13
C ASP B 52 0.62 -7.20 5.44
N LEU B 53 -0.70 -6.99 5.38
CA LEU B 53 -1.54 -7.01 6.58
C LEU B 53 -2.37 -8.30 6.69
N THR B 54 -1.95 -9.34 5.99
CA THR B 54 -2.74 -10.57 6.03
C THR B 54 -2.71 -11.26 7.40
N ASN B 55 -1.66 -11.00 8.18
CA ASN B 55 -1.70 -11.31 9.61
C ASN B 55 -1.71 -10.05 10.47
N ASN B 56 -2.59 -9.11 10.14
CA ASN B 56 -2.62 -7.80 10.77
C ASN B 56 -1.22 -7.22 10.87
N CYS B 57 -0.87 -6.62 12.01
CA CYS B 57 0.42 -5.95 12.10
C CYS B 57 1.59 -6.93 12.27
N ASN B 58 1.27 -8.20 12.41
CA ASN B 58 2.29 -9.23 12.60
C ASN B 58 3.02 -9.65 11.32
N SER B 59 2.43 -9.37 10.16
CA SER B 59 3.07 -9.73 8.90
C SER B 59 3.91 -8.59 8.29
N CYS B 60 4.12 -7.54 9.08
CA CYS B 60 4.82 -6.34 8.60
C CYS B 60 6.34 -6.43 8.68
N GLY B 61 6.84 -7.50 9.30
CA GLY B 61 8.28 -7.66 9.44
C GLY B 61 8.84 -6.66 10.44
N ASN B 62 10.14 -6.44 10.37
CA ASN B 62 10.85 -5.62 11.34
C ASN B 62 11.05 -4.20 10.84
N HIS B 63 11.67 -3.33 11.65
CA HIS B 63 12.00 -1.99 11.17
C HIS B 63 12.76 -2.07 9.86
N PHE B 64 12.38 -1.24 8.90
CA PHE B 64 13.06 -1.22 7.61
C PHE B 64 14.53 -0.85 7.78
N ASN B 65 15.44 -1.71 7.32
CA ASN B 65 16.86 -1.59 7.65
C ASN B 65 17.79 -2.03 6.51
N PRO B 66 17.72 -1.34 5.37
CA PRO B 66 18.46 -1.76 4.18
C PRO B 66 19.98 -1.69 4.40
N ASP B 67 20.42 -0.83 5.32
CA ASP B 67 21.84 -0.58 5.53
C ASP B 67 22.44 -1.46 6.64
N GLY B 68 21.62 -2.29 7.26
CA GLY B 68 22.07 -3.18 8.34
C GLY B 68 22.61 -2.43 9.55
N ALA B 69 21.99 -1.29 9.85
CA ALA B 69 22.36 -0.47 11.01
C ALA B 69 21.80 -1.01 12.33
N SER B 70 22.22 -0.41 13.43
CA SER B 70 21.53 -0.63 14.71
C SER B 70 20.34 0.31 14.85
N HIS B 71 19.42 -0.03 15.74
CA HIS B 71 18.28 0.83 16.06
C HIS B 71 18.76 2.12 16.71
N GLY B 72 18.17 3.24 16.30
CA GLY B 72 18.53 4.53 16.89
C GLY B 72 17.41 5.53 16.79
N GLY B 73 17.70 6.78 17.17
CA GLY B 73 16.76 7.86 16.99
C GLY B 73 16.93 8.50 15.61
N PRO B 74 15.95 9.30 15.20
CA PRO B 74 15.86 9.82 13.85
C PRO B 74 17.00 10.78 13.48
N GLN B 75 17.60 11.41 14.49
CA GLN B 75 18.74 12.30 14.25
C GLN B 75 20.11 11.61 14.30
N ASP B 76 20.12 10.33 14.67
CA ASP B 76 21.38 9.58 14.77
C ASP B 76 21.85 9.13 13.39
N SER B 77 23.16 8.93 13.24
CA SER B 77 23.69 8.32 12.02
C SER B 77 23.71 6.80 12.08
N ASP B 78 23.78 6.24 13.28
CA ASP B 78 23.46 4.82 13.47
C ASP B 78 21.98 4.61 13.81
N ARG B 79 21.15 4.50 12.77
CA ARG B 79 19.73 4.21 12.95
C ARG B 79 19.28 3.30 11.80
N HIS B 80 18.14 2.64 11.99
CA HIS B 80 17.45 1.99 10.88
C HIS B 80 16.87 3.07 9.98
N ARG B 81 16.83 2.80 8.68
CA ARG B 81 16.20 3.73 7.76
C ARG B 81 14.79 4.04 8.23
N GLY B 82 14.10 3.03 8.77
CA GLY B 82 12.72 3.20 9.24
C GLY B 82 12.51 3.83 10.60
N ASP B 83 13.58 4.27 11.26
CA ASP B 83 13.45 4.80 12.62
C ASP B 83 12.99 6.25 12.66
N LEU B 84 11.78 6.49 13.16
CA LEU B 84 11.25 7.84 13.22
C LEU B 84 11.08 8.36 14.65
N GLY B 85 11.64 7.64 15.61
CA GLY B 85 11.58 8.07 17.01
C GLY B 85 10.18 8.06 17.60
N ASN B 86 9.91 8.99 18.51
CA ASN B 86 8.64 9.03 19.22
C ASN B 86 7.74 10.12 18.69
N VAL B 87 6.43 9.89 18.84
CA VAL B 87 5.44 10.95 18.77
C VAL B 87 4.71 11.04 20.10
N ARG B 88 4.28 12.25 20.47
CA ARG B 88 3.64 12.47 21.77
CA ARG B 88 3.65 12.48 21.76
C ARG B 88 2.14 12.63 21.60
N ALA B 89 1.39 11.77 22.29
CA ALA B 89 -0.05 11.94 22.37
C ALA B 89 -0.38 12.83 23.54
N ASP B 90 -1.28 13.80 23.30
CA ASP B 90 -1.73 14.72 24.35
C ASP B 90 -2.73 14.04 25.29
N ALA B 91 -3.32 14.83 26.19
CA ALA B 91 -4.19 14.28 27.24
C ALA B 91 -5.45 13.62 26.66
N ASP B 92 -5.86 14.08 25.48
CA ASP B 92 -7.04 13.53 24.81
C ASP B 92 -6.70 12.32 23.95
N GLY B 93 -5.41 11.98 23.90
CA GLY B 93 -4.99 10.81 23.17
C GLY B 93 -4.64 11.10 21.72
N ARG B 94 -4.40 12.37 21.40
CA ARG B 94 -4.11 12.74 20.01
C ARG B 94 -2.64 13.09 19.84
N ALA B 95 -1.99 12.49 18.86
CA ALA B 95 -0.63 12.88 18.48
C ALA B 95 -0.68 13.57 17.12
N ILE B 96 -0.41 14.87 17.10
CA ILE B 96 -0.21 15.59 15.84
C ILE B 96 1.26 15.89 15.73
N PHE B 97 1.86 15.54 14.60
CA PHE B 97 3.31 15.65 14.46
C PHE B 97 3.74 16.04 13.06
N ARG B 98 4.93 16.60 12.98
CA ARG B 98 5.53 17.01 11.70
C ARG B 98 7.04 16.86 11.84
N MET B 99 7.63 16.07 10.94
CA MET B 99 9.06 15.80 10.96
C MET B 99 9.61 16.03 9.56
N GLU B 100 10.91 16.35 9.46
CA GLU B 100 11.57 16.38 8.17
C GLU B 100 12.78 15.48 8.24
N ASP B 101 12.70 14.32 7.60
CA ASP B 101 13.72 13.29 7.78
C ASP B 101 14.73 13.32 6.64
N GLU B 102 16.01 13.17 6.97
N GLU B 102 16.00 13.13 6.98
CA GLU B 102 17.08 13.34 5.99
CA GLU B 102 17.11 13.34 6.05
C GLU B 102 17.53 12.01 5.38
C GLU B 102 17.65 12.01 5.52
N GLN B 103 17.08 10.91 5.97
CA GLN B 103 17.52 9.58 5.56
C GLN B 103 16.42 8.77 4.85
N LEU B 104 15.22 8.77 5.41
CA LEU B 104 14.09 8.08 4.81
C LEU B 104 13.59 8.80 3.56
N LYS B 105 13.40 8.05 2.47
CA LYS B 105 12.93 8.62 1.21
C LYS B 105 11.55 8.08 0.87
N VAL B 106 10.76 8.86 0.14
N VAL B 106 10.75 8.87 0.17
CA VAL B 106 9.42 8.45 -0.22
CA VAL B 106 9.41 8.40 -0.18
C VAL B 106 9.42 7.18 -1.06
C VAL B 106 9.45 7.13 -1.00
N TRP B 107 10.46 6.99 -1.86
CA TRP B 107 10.57 5.80 -2.68
C TRP B 107 10.96 4.57 -1.87
N ASP B 108 11.60 4.79 -0.73
CA ASP B 108 11.80 3.75 0.29
C ASP B 108 10.46 3.21 0.80
N VAL B 109 9.55 4.12 1.14
CA VAL B 109 8.47 3.76 2.07
C VAL B 109 7.31 3.07 1.35
N ILE B 110 7.15 3.34 0.05
CA ILE B 110 5.89 2.95 -0.57
C ILE B 110 5.78 1.43 -0.67
N GLY B 111 4.61 0.94 -0.30
CA GLY B 111 4.37 -0.50 -0.22
C GLY B 111 4.74 -1.10 1.11
N ARG B 112 5.37 -0.31 1.98
CA ARG B 112 5.74 -0.82 3.29
C ARG B 112 4.67 -0.46 4.32
N SER B 113 4.99 -0.57 5.62
CA SER B 113 4.04 -0.23 6.66
C SER B 113 4.59 0.82 7.61
N LEU B 114 3.68 1.63 8.14
CA LEU B 114 4.00 2.55 9.22
C LEU B 114 3.29 2.04 10.46
N ILE B 115 4.07 1.88 11.54
CA ILE B 115 3.55 1.25 12.76
C ILE B 115 3.80 2.14 13.97
N ILE B 116 2.81 2.22 14.85
CA ILE B 116 2.95 2.96 16.10
C ILE B 116 2.84 2.00 17.27
N ASP B 117 3.70 2.21 18.26
CA ASP B 117 3.90 1.21 19.31
C ASP B 117 3.19 1.58 20.59
N GLU B 118 3.13 0.61 21.50
CA GLU B 118 2.47 0.73 22.78
C GLU B 118 3.15 1.75 23.69
N GLY B 119 4.48 1.75 23.67
CA GLY B 119 5.25 2.57 24.59
C GLY B 119 6.32 3.40 23.91
N GLU B 120 7.21 3.95 24.74
CA GLU B 120 8.25 4.86 24.30
C GLU B 120 9.41 4.09 23.66
N ASP B 121 9.84 4.56 22.49
CA ASP B 121 11.09 4.15 21.87
C ASP B 121 12.27 4.71 22.67
N ASP B 122 13.16 3.84 23.15
CA ASP B 122 14.32 4.31 23.93
C ASP B 122 15.47 4.79 23.05
N LEU B 123 15.25 4.75 21.74
CA LEU B 123 16.15 5.39 20.78
C LEU B 123 17.53 4.75 20.77
N GLY B 124 17.61 3.53 21.26
CA GLY B 124 18.86 2.79 21.33
C GLY B 124 19.68 3.10 22.57
N ARG B 125 19.08 3.87 23.50
CA ARG B 125 19.84 4.46 24.62
C ARG B 125 19.60 3.77 25.95
N GLY B 126 18.70 2.78 25.97
CA GLY B 126 18.12 2.32 27.22
C GLY B 126 18.94 1.26 27.92
N GLY B 127 19.93 0.71 27.22
CA GLY B 127 20.83 -0.29 27.80
C GLY B 127 20.20 -1.67 27.89
N HIS B 128 19.05 -1.82 27.24
CA HIS B 128 18.29 -3.08 27.30
C HIS B 128 18.66 -3.94 26.08
N PRO B 129 18.49 -5.27 26.18
CA PRO B 129 18.85 -6.11 25.03
C PRO B 129 18.08 -5.75 23.76
N LEU B 130 16.91 -5.14 23.92
CA LEU B 130 16.12 -4.73 22.76
C LEU B 130 16.42 -3.30 22.30
N SER B 131 17.22 -2.56 23.06
CA SER B 131 17.43 -1.16 22.76
C SER B 131 17.94 -0.98 21.33
N LYS B 132 18.97 -1.73 20.96
N LYS B 132 18.97 -1.73 20.96
CA LYS B 132 19.60 -1.55 19.66
CA LYS B 132 19.62 -1.57 19.67
C LYS B 132 18.92 -2.37 18.57
C LYS B 132 19.01 -2.49 18.62
N ILE B 133 17.85 -3.07 18.94
CA ILE B 133 17.10 -3.86 17.97
C ILE B 133 15.76 -3.21 17.61
N THR B 134 14.97 -2.87 18.64
CA THR B 134 13.64 -2.30 18.43
C THR B 134 13.45 -0.95 19.11
N GLY B 135 14.28 -0.66 20.11
CA GLY B 135 14.02 0.43 21.03
C GLY B 135 13.15 0.07 22.23
N ASN B 136 12.73 -1.19 22.30
CA ASN B 136 12.02 -1.70 23.47
C ASN B 136 10.71 -0.96 23.76
N SER B 137 9.88 -0.80 22.74
CA SER B 137 8.66 -0.01 22.87
C SER B 137 7.37 -0.85 22.91
N GLY B 138 7.52 -2.15 23.17
CA GLY B 138 6.35 -3.01 23.44
C GLY B 138 5.58 -3.40 22.19
N GLU B 139 4.27 -3.54 22.35
CA GLU B 139 3.42 -4.13 21.30
C GLU B 139 3.20 -3.14 20.16
N ARG B 140 2.70 -3.67 19.03
CA ARG B 140 2.24 -2.82 17.93
C ARG B 140 0.77 -2.47 18.11
N LEU B 141 0.46 -1.18 18.21
CA LEU B 141 -0.90 -0.73 18.46
C LEU B 141 -1.70 -0.61 17.17
N ALA B 142 -1.04 -0.16 16.10
CA ALA B 142 -1.75 0.09 14.85
C ALA B 142 -0.74 0.16 13.72
N CYS B 143 -1.19 -0.18 12.52
CA CYS B 143 -0.30 -0.19 11.37
C CYS B 143 -1.07 0.28 10.16
N GLY B 144 -0.36 0.91 9.24
CA GLY B 144 -0.98 1.40 8.02
C GLY B 144 -0.10 1.01 6.86
N ILE B 145 -0.72 0.60 5.75
CA ILE B 145 0.02 0.41 4.51
C ILE B 145 0.38 1.74 3.85
N ILE B 146 1.66 1.91 3.53
CA ILE B 146 2.12 3.17 2.93
C ILE B 146 1.95 3.10 1.41
N ALA B 147 1.10 3.97 0.89
CA ALA B 147 0.67 3.91 -0.51
C ALA B 147 1.20 5.13 -1.27
N ARG B 148 1.38 4.97 -2.58
CA ARG B 148 1.65 6.13 -3.44
CA ARG B 148 1.65 6.11 -3.46
C ARG B 148 0.48 7.07 -3.42
N SER B 149 0.77 8.37 -3.40
CA SER B 149 -0.25 9.41 -3.50
CA SER B 149 -0.28 9.37 -3.57
C SER B 149 0.16 10.40 -4.60
N ALA B 150 -0.79 11.19 -5.08
CA ALA B 150 -0.52 12.07 -6.21
C ALA B 150 0.62 13.05 -5.91
N GLY B 151 1.53 13.19 -6.87
CA GLY B 151 2.68 14.09 -6.72
C GLY B 151 2.44 15.48 -7.30
N LEU B 152 1.29 15.65 -7.95
CA LEU B 152 0.95 16.92 -8.60
C LEU B 152 -0.55 17.07 -8.81
ZN ZN C . -7.36 0.69 -18.85
ZN ZN D . 14.64 0.59 14.46
#